data_3M36
#
_entry.id   3M36
#
_cell.length_a   56.800
_cell.length_b   72.300
_cell.length_c   77.700
_cell.angle_alpha   90.00
_cell.angle_beta   90.00
_cell.angle_gamma   90.00
#
_symmetry.space_group_name_H-M   'P 21 21 21'
#
loop_
_entity.id
_entity.type
_entity.pdbx_description
1 polymer 'Coagulation factor X'
2 polymer 'Coagulation factor X'
3 non-polymer "1-[3-(aminomethyl)phenyl]-N-[3-fluoro-2'-(methylsulfonyl)biphenyl-4-yl]-3-(trifluoromethyl)-1H-pyrazole-5-carboxamide"
4 non-polymer 'CALCIUM ION'
5 water water
#
loop_
_entity_poly.entity_id
_entity_poly.type
_entity_poly.pdbx_seq_one_letter_code
_entity_poly.pdbx_strand_id
1 'polypeptide(L)'
;IVGGQECKDGECPWQALLINEENEGFCGGTILSEFYILTAAHCLYQAKRFKVRVGDRNTEQEEGGEAVHEVEVVIKHNRF
TKETYDFDIAVLRLKTPITFRMNVAPACLPERDWAESTLMTQKTGIVSGFGRTHEKGRQSTRLKMLEVPYVDRNSCKLSS
SFIITQNMFCAGYDTKQEDACQGDSGGPHVTRFKDTYFVTGIVSWGEGCARKGKYGIYTKVTAFLKWIDRSMKT
;
A
2 'polypeptide(L)' KLCSLDNGDCDQFCHEEQNSVVCSCARGYTLADNGKACIPTGPYPCGKQTLE L
#
loop_
_chem_comp.id
_chem_comp.type
_chem_comp.name
_chem_comp.formula
CA non-polymer 'CALCIUM ION' 'Ca 2'
M35 non-polymer 1-[3-(aminomethyl)phenyl]-N-[3-fluoro-2'-(methylsulfonyl)biphenyl-4-yl]-3-(trifluoromethyl)-1H-pyrazole-5-carboxamide 'C25 H20 F4 N4 O3 S'
#
# COMPACT_ATOMS: atom_id res chain seq x y z
N ILE A 1 -9.78 9.14 4.49
CA ILE A 1 -10.28 9.03 3.08
C ILE A 1 -11.49 9.93 2.88
N VAL A 2 -11.40 10.83 1.90
CA VAL A 2 -12.50 11.73 1.58
C VAL A 2 -13.25 11.03 0.44
N GLY A 3 -14.54 10.82 0.61
CA GLY A 3 -15.30 10.13 -0.43
C GLY A 3 -15.02 8.64 -0.34
N GLY A 4 -15.04 7.94 -1.47
CA GLY A 4 -14.77 6.52 -1.46
C GLY A 4 -15.83 5.72 -0.73
N GLN A 5 -15.55 4.46 -0.46
CA GLN A 5 -16.51 3.61 0.24
C GLN A 5 -15.88 2.89 1.42
N GLU A 6 -16.74 2.40 2.29
CA GLU A 6 -16.34 1.67 3.47
C GLU A 6 -15.75 0.33 3.01
N CYS A 7 -14.65 -0.10 3.65
CA CYS A 7 -14.04 -1.38 3.30
C CYS A 7 -14.94 -2.46 3.88
N LYS A 8 -15.60 -3.24 3.03
CA LYS A 8 -16.46 -4.30 3.51
C LYS A 8 -15.62 -5.48 4.01
N ASP A 9 -16.29 -6.45 4.60
CA ASP A 9 -15.62 -7.62 5.15
C ASP A 9 -14.65 -8.33 4.21
N GLY A 10 -13.38 -8.33 4.60
CA GLY A 10 -12.35 -8.99 3.80
C GLY A 10 -11.83 -8.28 2.56
N GLU A 11 -12.27 -7.05 2.32
CA GLU A 11 -11.84 -6.31 1.13
C GLU A 11 -10.48 -5.63 1.22
N CYS A 12 -10.03 -5.31 2.43
CA CYS A 12 -8.74 -4.65 2.61
C CYS A 12 -8.00 -5.32 3.75
N PRO A 13 -7.70 -6.61 3.61
CA PRO A 13 -7.01 -7.40 4.64
C PRO A 13 -5.57 -7.00 4.95
N TRP A 14 -4.94 -6.28 4.03
CA TRP A 14 -3.55 -5.85 4.19
C TRP A 14 -3.38 -4.50 4.89
N GLN A 15 -4.48 -3.91 5.34
CA GLN A 15 -4.41 -2.63 6.03
C GLN A 15 -3.96 -2.83 7.47
N ALA A 16 -3.05 -1.95 7.91
CA ALA A 16 -2.55 -2.00 9.27
C ALA A 16 -2.74 -0.60 9.83
N LEU A 17 -2.92 -0.51 11.14
CA LEU A 17 -3.12 0.77 11.81
C LEU A 17 -2.08 0.97 12.92
N LEU A 18 -1.37 2.09 12.88
CA LEU A 18 -0.37 2.39 13.90
C LEU A 18 -1.11 3.11 15.02
N ILE A 19 -1.07 2.55 16.23
CA ILE A 19 -1.76 3.16 17.37
C ILE A 19 -0.78 3.64 18.44
N ASN A 20 -1.07 4.80 19.02
CA ASN A 20 -0.21 5.39 20.04
C ASN A 20 -0.51 4.92 21.48
N GLU A 21 0.12 5.61 22.44
CA GLU A 21 -0.03 5.31 23.86
C GLU A 21 -1.49 5.30 24.30
N GLU A 22 -2.27 6.21 23.71
CA GLU A 22 -3.68 6.34 24.02
C GLU A 22 -4.55 5.34 23.26
N ASN A 23 -3.90 4.45 22.51
CA ASN A 23 -4.60 3.41 21.74
C ASN A 23 -5.45 3.95 20.58
N GLU A 24 -5.02 5.06 19.98
CA GLU A 24 -5.76 5.65 18.87
C GLU A 24 -4.88 5.64 17.61
N GLY A 25 -5.49 5.41 16.46
CA GLY A 25 -4.73 5.38 15.22
C GLY A 25 -4.30 6.77 14.78
N PHE A 26 -3.09 6.86 14.25
CA PHE A 26 -2.57 8.13 13.76
C PHE A 26 -2.02 7.99 12.34
N CYS A 27 -1.74 6.76 11.94
CA CYS A 27 -1.22 6.49 10.60
C CYS A 27 -1.51 5.07 10.18
N GLY A 28 -1.43 4.82 8.88
CA GLY A 28 -1.69 3.49 8.36
C GLY A 28 -0.43 2.77 7.98
N GLY A 29 -0.61 1.55 7.48
CA GLY A 29 0.51 0.75 7.07
C GLY A 29 0.00 -0.41 6.25
N THR A 30 0.91 -1.13 5.61
CA THR A 30 0.56 -2.28 4.79
C THR A 30 1.29 -3.53 5.31
N ILE A 31 0.55 -4.63 5.39
CA ILE A 31 1.11 -5.90 5.83
C ILE A 31 1.86 -6.50 4.66
N LEU A 32 3.15 -6.78 4.86
CA LEU A 32 3.96 -7.37 3.80
C LEU A 32 4.18 -8.85 4.02
N SER A 33 4.20 -9.25 5.29
CA SER A 33 4.42 -10.64 5.68
C SER A 33 4.03 -10.78 7.14
N GLU A 34 4.12 -11.99 7.67
CA GLU A 34 3.73 -12.19 9.06
C GLU A 34 4.54 -11.33 10.04
N PHE A 35 5.75 -10.91 9.62
CA PHE A 35 6.60 -10.09 10.49
C PHE A 35 6.83 -8.64 10.09
N TYR A 36 6.50 -8.26 8.87
CA TYR A 36 6.78 -6.88 8.42
C TYR A 36 5.63 -6.01 7.94
N ILE A 37 5.71 -4.75 8.33
CA ILE A 37 4.72 -3.73 7.97
C ILE A 37 5.43 -2.60 7.22
N LEU A 38 4.80 -2.14 6.14
CA LEU A 38 5.34 -1.04 5.35
C LEU A 38 4.57 0.21 5.75
N THR A 39 5.27 1.33 5.91
CA THR A 39 4.60 2.58 6.28
C THR A 39 5.42 3.79 5.86
N ALA A 40 5.03 4.97 6.31
CA ALA A 40 5.71 6.19 5.95
C ALA A 40 6.67 6.64 7.04
N ALA A 41 7.84 7.10 6.62
CA ALA A 41 8.85 7.56 7.55
C ALA A 41 8.35 8.71 8.42
N HIS A 42 7.63 9.66 7.82
CA HIS A 42 7.14 10.80 8.60
C HIS A 42 6.13 10.44 9.67
N CYS A 43 5.63 9.20 9.64
CA CYS A 43 4.68 8.75 10.64
C CYS A 43 5.41 8.40 11.92
N LEU A 44 6.70 8.08 11.78
CA LEU A 44 7.52 7.68 12.92
C LEU A 44 7.88 8.85 13.82
N TYR A 45 7.97 10.04 13.25
CA TYR A 45 8.28 11.22 14.04
C TYR A 45 7.19 11.49 15.07
N GLN A 46 5.98 11.00 14.80
CA GLN A 46 4.87 11.17 15.72
C GLN A 46 4.77 9.92 16.61
N ALA A 47 4.28 10.10 17.83
CA ALA A 47 4.15 8.98 18.77
C ALA A 47 5.50 8.35 19.10
N LYS A 48 6.03 8.65 20.28
CA LYS A 48 7.31 8.11 20.73
C LYS A 48 7.30 6.59 20.72
N ARG A 49 6.26 6.00 21.30
CA ARG A 49 6.13 4.55 21.35
C ARG A 49 4.77 4.19 20.76
N PHE A 50 4.76 3.31 19.77
CA PHE A 50 3.51 2.91 19.12
C PHE A 50 3.44 1.41 18.82
N LYS A 51 2.22 0.93 18.61
CA LYS A 51 1.99 -0.48 18.28
C LYS A 51 1.27 -0.57 16.94
N VAL A 52 1.08 -1.79 16.44
CA VAL A 52 0.41 -2.00 15.17
C VAL A 52 -0.80 -2.89 15.36
N ARG A 53 -1.94 -2.47 14.85
CA ARG A 53 -3.16 -3.26 14.95
C ARG A 53 -3.55 -3.71 13.55
N VAL A 54 -3.86 -4.99 13.41
CA VAL A 54 -4.27 -5.55 12.12
C VAL A 54 -5.66 -6.16 12.30
N GLY A 55 -6.38 -6.35 11.19
CA GLY A 55 -7.69 -6.95 11.24
C GLY A 55 -8.82 -6.05 11.71
N ASP A 56 -8.52 -4.77 11.94
CA ASP A 56 -9.56 -3.86 12.40
C ASP A 56 -10.30 -3.15 11.24
N ARG A 57 -11.55 -2.78 11.48
CA ARG A 57 -12.34 -2.08 10.47
C ARG A 57 -13.20 -1.00 11.12
N ASN A 58 -13.45 -1.17 12.42
CA ASN A 58 -14.27 -0.25 13.20
C ASN A 58 -13.55 -0.03 14.53
N THR A 59 -12.87 1.10 14.66
CA THR A 59 -12.12 1.41 15.88
C THR A 59 -12.95 1.47 17.15
N GLU A 60 -14.28 1.55 17.03
CA GLU A 60 -15.13 1.61 18.22
C GLU A 60 -15.29 0.24 18.87
N GLN A 61 -16.22 -0.55 18.36
CA GLN A 61 -16.46 -1.90 18.90
C GLN A 61 -15.21 -2.78 18.82
N GLU A 62 -15.04 -3.63 19.82
CA GLU A 62 -13.90 -4.54 19.89
C GLU A 62 -14.04 -5.78 19.02
N GLU A 63 -15.00 -5.72 18.10
CA GLU A 63 -15.30 -6.78 17.13
C GLU A 63 -14.90 -8.22 17.50
N GLY A 64 -13.60 -8.53 17.42
CA GLY A 64 -13.15 -9.87 17.74
C GLY A 64 -12.04 -10.40 16.85
N GLY A 65 -11.87 -9.81 15.67
CA GLY A 65 -10.83 -10.25 14.76
C GLY A 65 -9.60 -9.36 14.77
N GLU A 66 -9.60 -8.35 15.64
CA GLU A 66 -8.46 -7.43 15.74
C GLU A 66 -7.29 -8.11 16.45
N ALA A 67 -6.10 -7.55 16.29
CA ALA A 67 -4.89 -8.08 16.92
C ALA A 67 -3.81 -7.02 16.95
N VAL A 68 -3.25 -6.79 18.14
CA VAL A 68 -2.20 -5.80 18.29
C VAL A 68 -0.82 -6.46 18.33
N HIS A 69 0.15 -5.81 17.68
CA HIS A 69 1.51 -6.33 17.62
C HIS A 69 2.52 -5.25 17.98
N GLU A 70 3.44 -5.58 18.87
CA GLU A 70 4.47 -4.64 19.27
C GLU A 70 5.55 -4.64 18.20
N VAL A 71 6.24 -3.52 18.07
CA VAL A 71 7.29 -3.38 17.08
C VAL A 71 8.63 -3.80 17.68
N GLU A 72 9.35 -4.67 16.97
CA GLU A 72 10.65 -5.11 17.46
C GLU A 72 11.73 -4.15 17.00
N VAL A 73 11.66 -3.75 15.74
CA VAL A 73 12.63 -2.82 15.20
C VAL A 73 12.00 -1.94 14.14
N VAL A 74 12.34 -0.65 14.20
CA VAL A 74 11.84 0.34 13.28
C VAL A 74 12.95 0.63 12.26
N ILE A 75 12.63 0.46 10.98
CA ILE A 75 13.61 0.71 9.94
C ILE A 75 13.15 1.88 9.10
N LYS A 76 13.69 3.05 9.42
CA LYS A 76 13.38 4.29 8.76
C LYS A 76 14.46 4.66 7.75
N HIS A 77 14.05 5.10 6.56
CA HIS A 77 15.01 5.47 5.52
C HIS A 77 15.74 6.72 5.99
N ASN A 78 17.06 6.65 6.02
CA ASN A 78 17.88 7.78 6.48
C ASN A 78 17.82 9.05 5.65
N ARG A 79 17.50 8.91 4.36
CA ARG A 79 17.45 10.07 3.49
C ARG A 79 16.16 10.88 3.60
N PHE A 80 15.25 10.47 4.49
CA PHE A 80 14.01 11.20 4.63
C PHE A 80 14.17 12.53 5.38
N THR A 81 13.48 13.57 4.92
CA THR A 81 13.53 14.88 5.56
C THR A 81 12.19 15.59 5.41
N LYS A 82 11.77 16.26 6.48
CA LYS A 82 10.51 17.00 6.48
C LYS A 82 10.62 18.13 5.46
N GLU A 83 11.85 18.52 5.13
CA GLU A 83 12.08 19.59 4.18
C GLU A 83 11.71 19.26 2.74
N THR A 84 11.68 17.98 2.40
CA THR A 84 11.35 17.58 1.04
C THR A 84 10.29 16.48 0.97
N TYR A 85 10.18 15.72 2.06
CA TYR A 85 9.26 14.60 2.16
C TYR A 85 9.63 13.52 1.15
N ASP A 86 10.88 13.57 0.69
CA ASP A 86 11.39 12.59 -0.27
C ASP A 86 11.81 11.37 0.55
N PHE A 87 11.75 10.19 -0.04
CA PHE A 87 12.12 8.96 0.68
C PHE A 87 11.17 8.71 1.85
N ASP A 88 9.90 9.04 1.68
CA ASP A 88 8.92 8.85 2.76
C ASP A 88 8.55 7.38 2.87
N ILE A 89 9.44 6.59 3.47
CA ILE A 89 9.23 5.17 3.61
C ILE A 89 9.92 4.58 4.82
N ALA A 90 9.33 3.53 5.40
CA ALA A 90 9.88 2.86 6.55
C ALA A 90 9.30 1.46 6.62
N VAL A 91 9.99 0.57 7.31
CA VAL A 91 9.52 -0.80 7.48
C VAL A 91 9.60 -1.18 8.96
N LEU A 92 8.57 -1.88 9.42
CA LEU A 92 8.52 -2.30 10.82
C LEU A 92 8.57 -3.82 10.94
N ARG A 93 9.46 -4.31 11.80
CA ARG A 93 9.52 -5.75 12.05
C ARG A 93 8.82 -5.90 13.39
N LEU A 94 7.81 -6.76 13.43
CA LEU A 94 7.05 -6.97 14.65
C LEU A 94 7.68 -8.00 15.59
N LYS A 95 7.30 -7.93 16.86
CA LYS A 95 7.79 -8.86 17.87
C LYS A 95 7.26 -10.27 17.62
N THR A 96 5.96 -10.37 17.37
CA THR A 96 5.31 -11.64 17.12
C THR A 96 4.73 -11.69 15.71
N PRO A 97 4.67 -12.89 15.11
CA PRO A 97 4.13 -13.00 13.75
C PRO A 97 2.63 -12.81 13.68
N ILE A 98 2.19 -12.09 12.64
CA ILE A 98 0.78 -11.85 12.42
C ILE A 98 0.13 -13.17 12.00
N THR A 99 -1.02 -13.49 12.56
CA THR A 99 -1.73 -14.70 12.15
C THR A 99 -2.76 -14.25 11.11
N PHE A 100 -2.62 -14.74 9.89
CA PHE A 100 -3.55 -14.37 8.84
C PHE A 100 -4.91 -15.01 9.04
N ARG A 101 -5.94 -14.29 8.60
CA ARG A 101 -7.33 -14.74 8.73
C ARG A 101 -8.19 -13.75 7.98
N MET A 102 -9.49 -13.82 8.21
CA MET A 102 -10.43 -12.90 7.58
C MET A 102 -9.97 -11.50 7.98
N ASN A 103 -9.78 -10.61 7.00
CA ASN A 103 -9.35 -9.24 7.24
C ASN A 103 -7.88 -9.07 7.62
N VAL A 104 -7.11 -10.15 7.55
CA VAL A 104 -5.70 -10.05 7.87
C VAL A 104 -4.91 -10.87 6.86
N ALA A 105 -4.28 -10.19 5.92
CA ALA A 105 -3.51 -10.85 4.88
C ALA A 105 -2.54 -9.85 4.28
N PRO A 106 -1.41 -10.32 3.75
CA PRO A 106 -0.45 -9.38 3.17
C PRO A 106 -0.74 -9.07 1.72
N ALA A 107 -0.22 -7.93 1.26
CA ALA A 107 -0.35 -7.51 -0.11
C ALA A 107 0.93 -7.99 -0.76
N CYS A 108 0.90 -8.27 -2.05
CA CYS A 108 2.09 -8.76 -2.74
C CYS A 108 3.07 -7.66 -3.11
N LEU A 109 4.36 -7.96 -2.98
CA LEU A 109 5.41 -7.02 -3.38
C LEU A 109 5.68 -7.43 -4.83
N PRO A 110 5.61 -6.49 -5.77
CA PRO A 110 5.88 -6.86 -7.16
C PRO A 110 7.34 -6.71 -7.54
N GLU A 111 7.65 -7.06 -8.79
CA GLU A 111 9.00 -6.91 -9.32
C GLU A 111 9.04 -5.52 -9.91
N ARG A 112 10.19 -4.86 -9.82
CA ARG A 112 10.35 -3.50 -10.33
C ARG A 112 9.86 -3.26 -11.76
N ASP A 113 10.59 -3.79 -12.73
CA ASP A 113 10.26 -3.63 -14.14
C ASP A 113 8.80 -3.95 -14.47
N TRP A 114 8.36 -5.12 -14.04
CA TRP A 114 6.99 -5.54 -14.31
C TRP A 114 5.97 -4.57 -13.71
N ALA A 115 6.17 -4.21 -12.45
CA ALA A 115 5.25 -3.29 -11.79
C ALA A 115 5.12 -1.98 -12.54
N GLU A 116 6.26 -1.41 -12.95
CA GLU A 116 6.26 -0.14 -13.66
C GLU A 116 5.61 -0.18 -15.04
N SER A 117 5.80 -1.25 -15.80
CA SER A 117 5.21 -1.31 -17.13
C SER A 117 3.82 -1.94 -17.14
N THR A 118 3.50 -2.72 -16.10
CA THR A 118 2.20 -3.37 -16.05
C THR A 118 1.24 -2.85 -14.98
N LEU A 119 1.74 -2.58 -13.78
CA LEU A 119 0.88 -2.10 -12.70
C LEU A 119 0.64 -0.60 -12.69
N MET A 120 1.70 0.18 -12.78
CA MET A 120 1.54 1.62 -12.74
C MET A 120 1.04 2.24 -14.03
N THR A 121 0.89 1.42 -15.07
CA THR A 121 0.38 1.90 -16.34
C THR A 121 -1.12 1.60 -16.34
N GLN A 122 -1.59 1.00 -15.26
CA GLN A 122 -2.99 0.68 -15.13
C GLN A 122 -3.74 2.00 -14.97
N LYS A 123 -5.05 1.98 -15.21
CA LYS A 123 -5.85 3.17 -15.11
C LYS A 123 -5.93 3.67 -13.67
N THR A 124 -6.18 2.77 -12.73
CA THR A 124 -6.31 3.16 -11.33
C THR A 124 -5.63 2.23 -10.32
N GLY A 125 -5.62 2.71 -9.08
CA GLY A 125 -5.06 1.97 -7.96
C GLY A 125 -6.05 2.18 -6.83
N ILE A 126 -5.83 1.52 -5.70
CA ILE A 126 -6.73 1.65 -4.56
C ILE A 126 -5.96 2.10 -3.33
N VAL A 127 -6.49 3.11 -2.65
CA VAL A 127 -5.88 3.64 -1.43
C VAL A 127 -6.89 3.45 -0.29
N SER A 128 -6.40 3.24 0.93
CA SER A 128 -7.31 3.02 2.05
C SER A 128 -6.75 3.52 3.38
N GLY A 129 -7.62 3.66 4.37
CA GLY A 129 -7.19 4.12 5.69
C GLY A 129 -8.29 4.61 6.61
N PHE A 130 -7.90 4.96 7.84
CA PHE A 130 -8.82 5.47 8.85
C PHE A 130 -8.67 6.97 9.01
N GLY A 131 -8.09 7.63 8.02
CA GLY A 131 -7.88 9.07 8.08
C GLY A 131 -9.11 9.96 8.03
N ARG A 132 -8.89 11.26 8.14
CA ARG A 132 -9.96 12.26 8.11
C ARG A 132 -10.80 12.11 6.86
N THR A 133 -12.10 12.37 6.98
CA THR A 133 -13.00 12.28 5.85
C THR A 133 -13.20 13.66 5.21
N HIS A 134 -12.51 14.66 5.76
CA HIS A 134 -12.54 16.05 5.27
C HIS A 134 -11.28 16.69 5.82
N GLU A 135 -10.74 17.70 5.15
CA GLU A 135 -9.53 18.35 5.64
C GLU A 135 -9.68 18.70 7.11
N LYS A 136 -10.86 19.22 7.46
CA LYS A 136 -11.16 19.57 8.84
C LYS A 136 -12.14 18.55 9.40
N GLY A 137 -11.61 17.60 10.15
CA GLY A 137 -12.42 16.56 10.74
C GLY A 137 -11.57 15.63 11.56
N ARG A 138 -12.21 14.72 12.28
CA ARG A 138 -11.52 13.76 13.12
C ARG A 138 -11.24 12.48 12.30
N GLN A 139 -10.41 11.60 12.85
CA GLN A 139 -10.07 10.35 12.19
C GLN A 139 -11.33 9.49 12.04
N SER A 140 -11.47 8.83 10.91
CA SER A 140 -12.62 7.98 10.67
C SER A 140 -12.56 6.76 11.59
N THR A 141 -13.70 6.33 12.11
CA THR A 141 -13.72 5.15 12.97
C THR A 141 -13.89 3.90 12.11
N ARG A 142 -14.32 4.10 10.86
CA ARG A 142 -14.52 3.00 9.91
C ARG A 142 -13.43 3.03 8.84
N LEU A 143 -12.96 1.86 8.45
CA LEU A 143 -11.94 1.75 7.42
C LEU A 143 -12.56 1.99 6.05
N LYS A 144 -11.95 2.88 5.27
CA LYS A 144 -12.45 3.19 3.94
C LYS A 144 -11.43 2.89 2.86
N MET A 145 -11.93 2.74 1.64
CA MET A 145 -11.07 2.47 0.48
C MET A 145 -11.54 3.41 -0.61
N LEU A 146 -10.64 3.76 -1.53
CA LEU A 146 -10.98 4.67 -2.61
C LEU A 146 -10.17 4.35 -3.87
N GLU A 147 -10.86 4.21 -4.99
CA GLU A 147 -10.18 3.93 -6.24
C GLU A 147 -9.67 5.28 -6.76
N VAL A 148 -8.36 5.37 -7.00
CA VAL A 148 -7.75 6.61 -7.48
C VAL A 148 -6.98 6.40 -8.76
N PRO A 149 -7.39 7.09 -9.83
CA PRO A 149 -6.68 6.95 -11.09
C PRO A 149 -5.24 7.45 -11.03
N TYR A 150 -4.36 6.78 -11.76
CA TYR A 150 -2.96 7.19 -11.81
C TYR A 150 -2.94 8.52 -12.53
N VAL A 151 -2.09 9.44 -12.06
CA VAL A 151 -2.00 10.75 -12.68
C VAL A 151 -0.69 10.91 -13.46
N ASP A 152 -0.81 11.37 -14.71
CA ASP A 152 0.34 11.60 -15.58
C ASP A 152 1.41 12.38 -14.84
N ARG A 153 2.67 11.95 -14.92
CA ARG A 153 3.76 12.63 -14.21
C ARG A 153 3.86 14.12 -14.52
N ASN A 154 3.70 14.47 -15.79
CA ASN A 154 3.80 15.87 -16.20
C ASN A 154 2.73 16.72 -15.51
N SER A 155 1.46 16.31 -15.63
CA SER A 155 0.37 17.05 -14.99
C SER A 155 0.65 17.16 -13.49
N CYS A 156 1.11 16.05 -12.93
CA CYS A 156 1.42 16.00 -11.51
C CYS A 156 2.35 17.12 -11.06
N LYS A 157 3.50 17.24 -11.74
CA LYS A 157 4.50 18.24 -11.39
C LYS A 157 4.04 19.70 -11.50
N LEU A 158 3.39 20.05 -12.59
CA LEU A 158 2.95 21.43 -12.76
C LEU A 158 1.80 21.79 -11.83
N SER A 159 1.06 20.80 -11.35
CA SER A 159 -0.05 21.05 -10.45
C SER A 159 0.45 21.23 -9.02
N SER A 160 1.66 20.76 -8.76
CA SER A 160 2.23 20.82 -7.42
C SER A 160 3.06 22.05 -7.11
N SER A 161 2.84 22.60 -5.92
CA SER A 161 3.58 23.76 -5.45
C SER A 161 4.94 23.29 -4.96
N PHE A 162 5.04 22.00 -4.69
CA PHE A 162 6.28 21.42 -4.19
C PHE A 162 6.88 20.47 -5.22
N ILE A 163 8.18 20.26 -5.13
CA ILE A 163 8.86 19.38 -6.08
C ILE A 163 8.49 17.91 -5.91
N ILE A 164 8.07 17.29 -7.00
CA ILE A 164 7.70 15.89 -7.02
C ILE A 164 8.93 15.11 -7.47
N THR A 165 9.58 14.43 -6.54
CA THR A 165 10.78 13.67 -6.88
C THR A 165 10.46 12.33 -7.55
N GLN A 166 11.49 11.63 -7.98
CA GLN A 166 11.30 10.34 -8.65
C GLN A 166 10.88 9.22 -7.71
N ASN A 167 10.84 9.50 -6.41
CA ASN A 167 10.40 8.52 -5.42
C ASN A 167 8.94 8.79 -5.10
N MET A 168 8.29 9.61 -5.92
CA MET A 168 6.89 9.96 -5.72
C MET A 168 6.06 9.82 -7.00
N PHE A 169 4.76 9.70 -6.85
CA PHE A 169 3.85 9.62 -7.99
C PHE A 169 2.48 10.15 -7.56
N CYS A 170 1.69 10.66 -8.50
CA CYS A 170 0.38 11.20 -8.22
C CYS A 170 -0.78 10.26 -8.51
N ALA A 171 -1.84 10.39 -7.73
CA ALA A 171 -3.04 9.58 -7.92
C ALA A 171 -4.21 10.37 -7.37
N GLY A 172 -5.36 10.24 -8.02
CA GLY A 172 -6.52 10.97 -7.54
C GLY A 172 -7.26 11.71 -8.63
N TYR A 173 -7.99 12.74 -8.22
CA TYR A 173 -8.79 13.51 -9.16
C TYR A 173 -8.45 14.98 -9.16
N ASP A 174 -8.67 15.60 -10.32
CA ASP A 174 -8.41 17.02 -10.49
C ASP A 174 -9.44 17.78 -9.66
N THR A 175 -10.72 17.56 -9.94
CA THR A 175 -11.77 18.26 -9.23
C THR A 175 -12.68 17.40 -8.36
N LYS A 176 -12.95 16.17 -8.79
CA LYS A 176 -13.81 15.29 -8.01
C LYS A 176 -13.32 15.26 -6.56
N GLN A 177 -14.23 15.41 -5.60
CA GLN A 177 -13.86 15.45 -4.18
C GLN A 177 -13.57 14.15 -3.45
N GLU A 178 -12.67 13.34 -3.99
CA GLU A 178 -12.27 12.08 -3.37
C GLU A 178 -10.75 12.09 -3.32
N ASP A 179 -10.17 11.78 -2.16
CA ASP A 179 -8.72 11.81 -2.03
C ASP A 179 -8.34 11.17 -0.70
N ALA A 180 -7.04 10.97 -0.48
CA ALA A 180 -6.60 10.43 0.79
C ALA A 180 -6.48 11.67 1.66
N CYS A 181 -6.32 11.49 2.96
CA CYS A 181 -6.19 12.66 3.83
C CYS A 181 -5.39 12.33 5.07
N GLN A 182 -5.16 13.36 5.89
CA GLN A 182 -4.40 13.22 7.12
C GLN A 182 -4.87 12.01 7.90
N GLY A 183 -3.92 11.15 8.28
CA GLY A 183 -4.25 9.94 9.02
C GLY A 183 -4.13 8.68 8.18
N ASP A 184 -4.27 8.84 6.86
CA ASP A 184 -4.15 7.72 5.93
C ASP A 184 -2.68 7.50 5.61
N SER A 185 -1.86 8.48 5.94
CA SER A 185 -0.42 8.42 5.70
C SER A 185 0.19 7.10 6.14
N GLY A 186 1.10 6.58 5.32
CA GLY A 186 1.75 5.32 5.63
C GLY A 186 0.90 4.14 5.21
N GLY A 187 -0.34 4.41 4.82
CA GLY A 187 -1.25 3.35 4.41
C GLY A 187 -1.00 2.78 3.03
N PRO A 188 -1.78 1.76 2.64
CA PRO A 188 -1.65 1.10 1.34
C PRO A 188 -2.24 1.79 0.12
N HIS A 189 -1.53 1.59 -0.99
CA HIS A 189 -1.96 2.04 -2.30
C HIS A 189 -1.65 0.77 -3.06
N VAL A 190 -2.70 0.04 -3.44
CA VAL A 190 -2.50 -1.21 -4.16
C VAL A 190 -3.10 -1.13 -5.55
N THR A 191 -2.56 -1.94 -6.46
CA THR A 191 -3.06 -1.98 -7.83
C THR A 191 -3.46 -3.43 -8.06
N ARG A 192 -4.65 -3.65 -8.59
CA ARG A 192 -5.08 -5.01 -8.84
C ARG A 192 -4.77 -5.45 -10.26
N PHE A 193 -4.37 -6.70 -10.39
CA PHE A 193 -4.07 -7.30 -11.68
C PHE A 193 -4.56 -8.72 -11.58
N LYS A 194 -5.58 -9.05 -12.37
CA LYS A 194 -6.18 -10.39 -12.36
C LYS A 194 -6.56 -10.84 -10.95
N ASP A 195 -7.28 -9.98 -10.24
CA ASP A 195 -7.76 -10.28 -8.90
C ASP A 195 -6.67 -10.51 -7.84
N THR A 196 -5.48 -9.97 -8.09
CA THR A 196 -4.39 -10.06 -7.13
C THR A 196 -3.91 -8.63 -6.91
N TYR A 197 -3.79 -8.24 -5.64
CA TYR A 197 -3.38 -6.88 -5.30
C TYR A 197 -1.92 -6.77 -4.86
N PHE A 198 -1.19 -5.86 -5.52
CA PHE A 198 0.22 -5.64 -5.23
C PHE A 198 0.43 -4.25 -4.64
N VAL A 199 1.29 -4.12 -3.62
CA VAL A 199 1.57 -2.81 -3.05
C VAL A 199 2.30 -1.98 -4.08
N THR A 200 1.78 -0.80 -4.38
CA THR A 200 2.42 0.07 -5.37
C THR A 200 2.81 1.40 -4.79
N GLY A 201 2.22 1.74 -3.64
CA GLY A 201 2.55 3.02 -3.04
C GLY A 201 2.23 3.11 -1.57
N ILE A 202 2.67 4.20 -0.98
CA ILE A 202 2.49 4.50 0.43
C ILE A 202 1.90 5.90 0.52
N VAL A 203 0.76 6.07 1.18
CA VAL A 203 0.17 7.39 1.32
C VAL A 203 1.26 8.28 1.94
N SER A 204 1.64 9.34 1.23
CA SER A 204 2.69 10.22 1.71
C SER A 204 2.22 11.62 2.11
N TRP A 205 1.76 12.39 1.14
CA TRP A 205 1.28 13.73 1.42
C TRP A 205 0.43 14.31 0.29
N GLY A 206 0.07 15.58 0.47
CA GLY A 206 -0.72 16.29 -0.51
C GLY A 206 -1.02 17.67 0.05
N GLU A 207 -1.34 18.62 -0.82
CA GLU A 207 -1.68 19.97 -0.37
C GLU A 207 -3.15 19.90 -0.01
N GLY A 208 -3.44 19.76 1.27
CA GLY A 208 -4.83 19.65 1.69
C GLY A 208 -5.35 18.33 1.17
N CYS A 209 -6.65 18.20 1.01
CA CYS A 209 -7.24 16.96 0.51
C CYS A 209 -8.44 17.23 -0.39
N ALA A 210 -8.47 16.54 -1.52
CA ALA A 210 -9.56 16.68 -2.48
C ALA A 210 -9.71 18.11 -2.99
N ARG A 211 -8.62 18.88 -2.98
CA ARG A 211 -8.66 20.24 -3.47
C ARG A 211 -8.62 20.22 -4.99
N LYS A 212 -9.31 21.17 -5.61
CA LYS A 212 -9.34 21.26 -7.06
C LYS A 212 -7.95 21.58 -7.59
N GLY A 213 -7.55 20.89 -8.66
CA GLY A 213 -6.23 21.14 -9.23
C GLY A 213 -5.10 20.48 -8.47
N LYS A 214 -5.41 19.73 -7.42
CA LYS A 214 -4.37 19.06 -6.63
C LYS A 214 -4.62 17.55 -6.56
N TYR A 215 -3.54 16.79 -6.40
CA TYR A 215 -3.63 15.34 -6.34
C TYR A 215 -2.97 14.81 -5.06
N GLY A 216 -3.22 13.54 -4.76
CA GLY A 216 -2.61 12.91 -3.60
C GLY A 216 -1.21 12.45 -3.99
N ILE A 217 -0.25 12.60 -3.09
CA ILE A 217 1.13 12.19 -3.39
C ILE A 217 1.50 10.93 -2.61
N TYR A 218 1.99 9.93 -3.33
CA TYR A 218 2.37 8.66 -2.72
C TYR A 218 3.83 8.33 -2.94
N THR A 219 4.39 7.56 -2.01
CA THR A 219 5.77 7.13 -2.14
C THR A 219 5.73 6.02 -3.18
N LYS A 220 6.64 6.07 -4.14
CA LYS A 220 6.72 5.09 -5.21
C LYS A 220 7.41 3.82 -4.71
N VAL A 221 6.64 2.78 -4.47
CA VAL A 221 7.19 1.52 -3.95
C VAL A 221 8.23 0.85 -4.86
N THR A 222 8.01 0.91 -6.17
CA THR A 222 8.94 0.29 -7.11
C THR A 222 10.34 0.88 -6.98
N ALA A 223 10.43 2.10 -6.48
CA ALA A 223 11.72 2.76 -6.30
C ALA A 223 12.46 2.32 -5.03
N PHE A 224 11.86 1.43 -4.25
CA PHE A 224 12.47 0.98 -3.00
C PHE A 224 12.44 -0.53 -2.77
N LEU A 225 12.10 -1.30 -3.79
CA LEU A 225 12.03 -2.74 -3.63
C LEU A 225 13.29 -3.38 -3.06
N LYS A 226 14.45 -2.94 -3.53
CA LYS A 226 15.71 -3.49 -3.03
C LYS A 226 15.90 -3.06 -1.57
N TRP A 227 15.57 -1.81 -1.27
CA TRP A 227 15.68 -1.29 0.09
C TRP A 227 14.71 -2.06 0.98
N ILE A 228 13.52 -2.34 0.47
CA ILE A 228 12.54 -3.08 1.24
C ILE A 228 13.06 -4.50 1.50
N ASP A 229 13.58 -5.13 0.47
CA ASP A 229 14.14 -6.47 0.60
C ASP A 229 15.24 -6.48 1.66
N ARG A 230 16.20 -5.57 1.55
CA ARG A 230 17.28 -5.51 2.52
C ARG A 230 16.75 -5.26 3.92
N SER A 231 15.71 -4.44 4.03
CA SER A 231 15.13 -4.16 5.34
C SER A 231 14.45 -5.37 5.95
N MET A 232 13.78 -6.17 5.13
CA MET A 232 13.09 -7.35 5.62
C MET A 232 14.06 -8.46 6.05
N LYS A 233 15.33 -8.27 5.77
CA LYS A 233 16.34 -9.25 6.15
C LYS A 233 17.08 -8.71 7.38
N THR A 234 16.55 -7.61 7.92
CA THR A 234 17.10 -6.96 9.10
C THR A 234 16.09 -7.12 10.23
N LYS B 1 5.20 -9.09 -29.67
CA LYS B 1 4.67 -8.34 -28.50
C LYS B 1 5.06 -9.01 -27.18
N LEU B 2 4.91 -10.33 -27.11
CA LEU B 2 5.25 -11.10 -25.90
C LEU B 2 4.61 -10.52 -24.63
N CYS B 3 5.44 -10.14 -23.65
CA CYS B 3 4.92 -9.58 -22.40
C CYS B 3 4.08 -8.33 -22.63
N SER B 4 4.27 -7.67 -23.77
CA SER B 4 3.52 -6.47 -24.09
C SER B 4 2.12 -6.86 -24.53
N LEU B 5 1.95 -8.15 -24.82
CA LEU B 5 0.67 -8.69 -25.27
C LEU B 5 0.01 -9.47 -24.14
N ASP B 6 -1.00 -8.85 -23.54
CA ASP B 6 -1.76 -9.45 -22.44
C ASP B 6 -0.84 -10.08 -21.39
N ASN B 7 0.21 -9.36 -21.02
CA ASN B 7 1.15 -9.83 -20.01
C ASN B 7 1.69 -11.23 -20.34
N GLY B 8 1.78 -11.56 -21.62
CA GLY B 8 2.27 -12.86 -22.03
C GLY B 8 1.44 -14.01 -21.49
N ASP B 9 0.20 -13.71 -21.14
CA ASP B 9 -0.74 -14.69 -20.61
C ASP B 9 -0.37 -15.13 -19.20
N CYS B 10 0.58 -14.44 -18.57
CA CYS B 10 0.99 -14.77 -17.22
C CYS B 10 -0.02 -14.28 -16.20
N ASP B 11 -0.11 -14.96 -15.06
CA ASP B 11 -1.01 -14.56 -13.99
C ASP B 11 -0.40 -13.35 -13.28
N GLN B 12 0.93 -13.36 -13.14
CA GLN B 12 1.62 -12.29 -12.45
C GLN B 12 2.84 -11.77 -13.20
N PHE B 13 4.03 -11.96 -12.63
CA PHE B 13 5.24 -11.46 -13.26
C PHE B 13 5.52 -12.02 -14.64
N CYS B 14 5.96 -11.15 -15.54
CA CYS B 14 6.27 -11.54 -16.90
C CYS B 14 7.54 -10.86 -17.41
N HIS B 15 8.51 -11.66 -17.83
CA HIS B 15 9.74 -11.14 -18.38
C HIS B 15 10.07 -11.93 -19.65
N GLU B 16 10.97 -11.40 -20.47
CA GLU B 16 11.31 -12.08 -21.71
C GLU B 16 12.75 -12.59 -21.68
N GLU B 17 12.92 -13.88 -21.98
CA GLU B 17 14.23 -14.52 -22.01
C GLU B 17 14.35 -15.24 -23.35
N GLN B 18 15.47 -15.03 -24.05
CA GLN B 18 15.67 -15.65 -25.36
C GLN B 18 14.53 -15.27 -26.28
N ASN B 19 14.04 -14.05 -26.12
CA ASN B 19 12.93 -13.51 -26.91
C ASN B 19 11.70 -14.40 -26.76
N SER B 20 11.52 -14.91 -25.56
CA SER B 20 10.38 -15.77 -25.25
C SER B 20 9.79 -15.33 -23.91
N VAL B 21 8.53 -15.68 -23.68
CA VAL B 21 7.86 -15.33 -22.43
C VAL B 21 8.16 -16.32 -21.32
N VAL B 22 8.47 -15.79 -20.15
CA VAL B 22 8.74 -16.61 -18.98
C VAL B 22 7.92 -15.97 -17.86
N CYS B 23 7.00 -16.75 -17.28
CA CYS B 23 6.15 -16.26 -16.20
C CYS B 23 6.73 -16.65 -14.84
N SER B 24 6.43 -15.85 -13.82
CA SER B 24 6.88 -16.13 -12.47
C SER B 24 5.84 -15.59 -11.48
N CYS B 25 5.99 -15.93 -10.20
CA CYS B 25 5.02 -15.49 -9.20
C CYS B 25 5.64 -14.87 -7.95
N ALA B 26 4.79 -14.24 -7.13
CA ALA B 26 5.25 -13.63 -5.90
C ALA B 26 5.41 -14.76 -4.90
N ARG B 27 6.07 -14.49 -3.77
CA ARG B 27 6.28 -15.51 -2.77
C ARG B 27 4.96 -15.98 -2.18
N GLY B 28 4.85 -17.28 -2.00
CA GLY B 28 3.62 -17.85 -1.46
C GLY B 28 2.81 -18.46 -2.60
N TYR B 29 3.33 -18.32 -3.81
CA TYR B 29 2.69 -18.86 -5.01
C TYR B 29 3.66 -19.78 -5.73
N THR B 30 3.13 -20.80 -6.39
CA THR B 30 3.94 -21.73 -7.14
C THR B 30 3.50 -21.65 -8.60
N LEU B 31 4.45 -21.65 -9.52
CA LEU B 31 4.11 -21.58 -10.94
C LEU B 31 3.46 -22.89 -11.35
N ALA B 32 2.31 -22.80 -12.00
CA ALA B 32 1.59 -23.99 -12.46
C ALA B 32 2.36 -24.74 -13.53
N ASP B 33 1.91 -25.95 -13.85
CA ASP B 33 2.56 -26.76 -14.87
C ASP B 33 2.56 -26.11 -16.23
N ASN B 34 1.53 -25.33 -16.54
CA ASN B 34 1.49 -24.66 -17.84
C ASN B 34 2.49 -23.51 -17.86
N GLY B 35 3.15 -23.28 -16.73
CA GLY B 35 4.14 -22.22 -16.62
C GLY B 35 3.55 -20.83 -16.74
N LYS B 36 2.26 -20.71 -16.48
CA LYS B 36 1.60 -19.41 -16.59
C LYS B 36 0.84 -19.02 -15.33
N ALA B 37 0.00 -19.92 -14.83
CA ALA B 37 -0.79 -19.66 -13.63
C ALA B 37 0.05 -19.65 -12.37
N CYS B 38 -0.45 -18.96 -11.35
CA CYS B 38 0.22 -18.88 -10.05
C CYS B 38 -0.74 -19.52 -9.05
N ILE B 39 -0.27 -20.58 -8.39
CA ILE B 39 -1.07 -21.32 -7.43
C ILE B 39 -0.59 -21.06 -6.01
N PRO B 40 -1.52 -20.74 -5.08
CA PRO B 40 -1.18 -20.46 -3.68
C PRO B 40 -0.71 -21.70 -2.94
N THR B 41 0.17 -21.50 -1.97
CA THR B 41 0.70 -22.60 -1.18
C THR B 41 -0.03 -22.70 0.17
N GLY B 42 -0.75 -21.64 0.53
CA GLY B 42 -1.46 -21.66 1.80
C GLY B 42 -2.82 -20.99 1.72
N PRO B 43 -3.56 -20.95 2.83
CA PRO B 43 -4.90 -20.35 2.91
C PRO B 43 -4.96 -18.83 2.79
N TYR B 44 -3.82 -18.16 2.98
CA TYR B 44 -3.82 -16.70 2.87
C TYR B 44 -2.68 -16.16 2.01
N PRO B 45 -2.74 -16.42 0.70
CA PRO B 45 -1.69 -15.93 -0.19
C PRO B 45 -1.74 -14.40 -0.27
N CYS B 46 -0.60 -13.77 -0.52
CA CYS B 46 -0.56 -12.32 -0.59
C CYS B 46 -1.41 -11.81 -1.74
N GLY B 47 -1.96 -10.60 -1.57
CA GLY B 47 -2.75 -9.97 -2.60
C GLY B 47 -4.17 -10.43 -2.86
N LYS B 48 -4.68 -11.33 -2.03
CA LYS B 48 -6.04 -11.83 -2.21
C LYS B 48 -6.96 -11.34 -1.10
N GLN B 49 -8.10 -10.78 -1.49
CA GLN B 49 -9.07 -10.31 -0.50
C GLN B 49 -9.62 -11.57 0.18
N THR B 50 -9.98 -11.47 1.44
CA THR B 50 -10.49 -12.64 2.15
C THR B 50 -12.01 -12.71 2.13
N LEU B 51 -12.56 -13.34 1.09
CA LEU B 51 -14.00 -13.52 0.96
C LEU B 51 -14.31 -14.95 1.34
N GLU B 52 -14.49 -15.19 2.63
CA GLU B 52 -14.78 -16.52 3.13
C GLU B 52 -15.93 -16.50 4.14
C1 M35 C . -2.36 12.43 1.99
F1 M35 C . -4.36 18.84 7.46
N1 M35 C . -2.55 16.01 4.53
S1 M35 C . 6.22 21.07 3.57
C2 M35 C . -1.88 12.35 3.38
F2 M35 C . -5.13 19.32 5.52
C3 M35 C . -1.94 13.55 4.25
F3 M35 C . -5.78 17.54 6.39
N3 M35 C . -4.69 14.51 -0.07
O3 M35 C . 0.10 16.21 3.57
C4 M35 C . -2.47 14.84 3.76
F4 M35 C . 2.58 17.02 4.90
O4 M35 C . 4.90 21.57 3.42
C5 M35 C . -2.96 14.92 2.39
N5 M35 C . 0.35 18.36 4.18
O5 M35 C . 7.28 22.03 3.64
C6 M35 C . -2.90 13.71 1.55
N6 M35 C . -3.71 16.34 5.16
C7 M35 C . 1.55 18.56 3.50
C8 M35 C . -0.37 17.20 4.11
C9 M35 C . 6.29 20.17 5.08
C10 M35 C . -3.62 17.60 5.63
C11 M35 C . -4.75 18.36 6.30
C12 M35 C . -2.34 18.14 5.34
C13 M35 C . -1.67 17.10 4.64
C14 M35 C . 4.04 17.99 3.27
C15 M35 C . 5.92 18.42 0.31
C16 M35 C . 4.15 18.91 2.15
C17 M35 C . 5.53 19.15 1.53
C18 M35 C . 2.93 19.64 1.71
C20 M35 C . -3.40 13.80 0.12
C21 M35 C . 6.53 20.03 2.13
C22 M35 C . 1.63 19.48 2.38
C23 M35 C . 7.29 18.57 -0.22
C24 M35 C . 7.90 20.17 1.61
C26 M35 C . 8.32 19.43 0.40
C44 M35 C . 2.75 17.86 3.89
CA CA D . -11.41 -2.29 17.19
#